data_5BW4
#
_entry.id   5BW4
#
_cell.length_a   65.718
_cell.length_b   83.229
_cell.length_c   93.872
_cell.angle_alpha   90.00
_cell.angle_beta   90.00
_cell.angle_gamma   90.00
#
_symmetry.space_group_name_H-M   'P 21 21 21'
#
loop_
_entity.id
_entity.type
_entity.pdbx_description
1 polymer '16S rRNA (adenine(1408)-N(1))-methyltransferase'
2 non-polymer S-ADENOSYLMETHIONINE
3 water water
#
_entity_poly.entity_id   1
_entity_poly.type   'polypeptide(L)'
_entity_poly.pdbx_seq_one_letter_code
;MHHHHHHASGLVPRGSHMTRTTALKVLAGKKLTDLDPDEWAKAQASAERILVDVGTGDARTAYRQAIAHPEWLVVGVDPA
WQRMTETAVRAARKPAKGGAPNLVLVSSAIETVPAALHGVADEVMVLMPWGKLLRGVVLGEADVLSGLRAVAKPGAPLEI
SIGTSIWREPIPLEIRDLPELTPETVVSTGLTDRLAALGWQVADVRLVPHTDLDTISSSAARRLGSGATETVLHLRAVAV
DPRDPVGTQHPAAESAQDTPEEPQRDV
;
_entity_poly.pdbx_strand_id   A,B
#
loop_
_chem_comp.id
_chem_comp.type
_chem_comp.name
_chem_comp.formula
SAM non-polymer S-ADENOSYLMETHIONINE 'C15 H22 N6 O5 S'
#
# COMPACT_ATOMS: atom_id res chain seq x y z
N THR A 22 25.64 27.87 8.21
CA THR A 22 24.79 28.54 9.24
C THR A 22 24.53 27.56 10.41
N ALA A 23 24.64 28.08 11.64
CA ALA A 23 24.34 27.33 12.87
C ALA A 23 22.82 27.10 13.02
N LEU A 24 22.45 26.01 13.68
CA LEU A 24 21.05 25.77 14.00
C LEU A 24 20.59 26.61 15.19
N LYS A 25 19.33 27.04 15.14
CA LYS A 25 18.67 27.65 16.28
C LYS A 25 18.06 26.56 17.17
N VAL A 26 18.72 26.28 18.29
CA VAL A 26 18.23 25.29 19.28
C VAL A 26 17.87 25.85 20.63
N LEU A 27 16.92 25.20 21.29
CA LEU A 27 16.62 25.51 22.66
C LEU A 27 17.73 25.06 23.57
N ALA A 28 18.22 25.98 24.38
CA ALA A 28 18.88 25.56 25.64
C ALA A 28 18.03 26.04 26.80
N GLY A 29 17.31 25.11 27.41
CA GLY A 29 16.31 25.45 28.40
C GLY A 29 15.32 26.42 27.78
N LYS A 30 15.16 27.59 28.40
CA LYS A 30 14.12 28.56 27.98
C LYS A 30 14.53 29.47 26.79
N LYS A 31 15.81 29.45 26.41
CA LYS A 31 16.34 30.39 25.43
C LYS A 31 16.73 29.73 24.13
N LEU A 32 16.40 30.37 23.02
CA LEU A 32 16.95 30.03 21.72
C LEU A 32 18.46 30.34 21.68
N THR A 33 19.27 29.46 21.11
CA THR A 33 20.69 29.70 20.93
C THR A 33 21.15 29.18 19.54
N ASP A 34 22.35 29.60 19.12
CA ASP A 34 23.01 29.00 17.96
C ASP A 34 23.90 27.81 18.34
N LEU A 35 23.65 26.66 17.70
CA LEU A 35 24.44 25.48 17.94
C LEU A 35 25.71 25.55 17.14
N ASP A 36 26.81 25.46 17.83
CA ASP A 36 28.12 25.41 17.21
C ASP A 36 28.13 24.34 16.10
N PRO A 37 28.61 24.67 14.90
CA PRO A 37 28.48 23.68 13.83
C PRO A 37 29.40 22.50 14.04
N ASP A 38 30.52 22.70 14.71
CA ASP A 38 31.36 21.55 15.03
C ASP A 38 30.78 20.64 16.14
N GLU A 39 30.10 21.21 17.15
CA GLU A 39 29.42 20.38 18.13
C GLU A 39 28.29 19.53 17.47
N TRP A 40 27.56 20.13 16.56
CA TRP A 40 26.52 19.46 15.83
C TRP A 40 27.08 18.27 15.06
N ALA A 41 28.20 18.50 14.37
CA ALA A 41 28.88 17.51 13.58
C ALA A 41 29.39 16.38 14.48
N LYS A 42 29.96 16.72 15.61
CA LYS A 42 30.50 15.75 16.54
C LYS A 42 29.36 14.94 17.15
N ALA A 43 28.25 15.62 17.45
CA ALA A 43 27.08 14.90 18.01
C ALA A 43 26.54 13.88 17.02
N GLN A 44 26.42 14.25 15.75
CA GLN A 44 25.90 13.31 14.73
C GLN A 44 26.82 12.08 14.58
N ALA A 45 28.12 12.34 14.50
CA ALA A 45 29.10 11.26 14.34
C ALA A 45 29.14 10.34 15.58
N SER A 46 28.87 10.85 16.75
CA SER A 46 28.91 10.03 17.95
C SER A 46 27.70 9.10 18.15
N ALA A 47 26.67 9.31 17.34
CA ALA A 47 25.37 8.65 17.47
C ALA A 47 25.24 7.40 16.64
N GLU A 48 24.53 6.43 17.16
CA GLU A 48 24.30 5.19 16.46
C GLU A 48 23.14 5.41 15.43
N ARG A 49 22.25 6.36 15.67
CA ARG A 49 21.14 6.71 14.74
C ARG A 49 20.68 8.13 15.03
N ILE A 50 20.25 8.83 14.02
CA ILE A 50 19.72 10.18 14.16
C ILE A 50 18.25 10.15 13.78
N LEU A 51 17.42 10.46 14.73
CA LEU A 51 15.98 10.49 14.54
C LEU A 51 15.49 11.96 14.54
N VAL A 52 14.89 12.37 13.44
CA VAL A 52 14.32 13.72 13.34
C VAL A 52 12.78 13.60 13.49
N ASP A 53 12.26 14.15 14.58
CA ASP A 53 10.83 14.17 14.93
C ASP A 53 10.20 15.54 14.50
N VAL A 54 9.41 15.51 13.45
CA VAL A 54 8.94 16.74 12.84
C VAL A 54 7.57 17.10 13.45
N GLY A 55 7.42 18.35 13.88
CA GLY A 55 6.18 18.73 14.62
C GLY A 55 6.11 17.97 15.94
N THR A 56 7.03 18.28 16.82
CA THR A 56 7.24 17.49 18.06
C THR A 56 6.38 18.06 19.20
N GLY A 57 5.88 19.29 19.02
CA GLY A 57 4.86 19.84 19.91
C GLY A 57 5.47 20.22 21.25
N ASP A 58 4.99 19.59 22.33
CA ASP A 58 5.59 19.83 23.66
C ASP A 58 6.85 19.02 23.87
N ALA A 59 7.15 18.09 22.94
CA ALA A 59 8.39 17.39 22.79
C ALA A 59 8.56 16.29 23.81
N ARG A 60 7.47 15.93 24.49
CA ARG A 60 7.52 14.95 25.55
C ARG A 60 7.75 13.56 25.01
N THR A 61 7.21 13.29 23.83
CA THR A 61 7.43 12.02 23.17
C THR A 61 8.92 11.94 22.73
N ALA A 62 9.48 13.07 22.26
CA ALA A 62 10.84 13.05 21.75
C ALA A 62 11.79 12.85 22.93
N TYR A 63 11.42 13.42 24.10
CA TYR A 63 12.25 13.35 25.29
C TYR A 63 12.26 11.90 25.77
N ARG A 64 11.06 11.26 25.70
CA ARG A 64 10.94 9.84 26.12
C ARG A 64 11.83 8.96 25.28
N GLN A 65 11.85 9.22 24.00
CA GLN A 65 12.65 8.45 23.06
C GLN A 65 14.14 8.67 23.37
N ALA A 66 14.49 9.92 23.63
CA ALA A 66 15.89 10.26 24.01
C ALA A 66 16.31 9.56 25.21
N ILE A 67 15.45 9.53 26.23
CA ILE A 67 15.79 8.85 27.46
C ILE A 67 15.91 7.32 27.25
N ALA A 68 15.02 6.78 26.44
CA ALA A 68 15.04 5.27 26.21
C ALA A 68 16.18 4.87 25.29
N HIS A 69 16.66 5.75 24.45
CA HIS A 69 17.78 5.43 23.58
C HIS A 69 18.85 6.50 23.61
N PRO A 70 19.71 6.47 24.63
CA PRO A 70 20.73 7.51 24.78
C PRO A 70 21.80 7.46 23.67
N GLU A 71 21.82 6.38 22.89
CA GLU A 71 22.73 6.27 21.73
C GLU A 71 22.12 6.95 20.53
N TRP A 72 20.86 7.33 20.63
CA TRP A 72 20.28 8.09 19.46
C TRP A 72 20.34 9.59 19.68
N LEU A 73 20.63 10.32 18.62
CA LEU A 73 20.43 11.74 18.64
C LEU A 73 19.00 11.99 18.12
N VAL A 74 18.20 12.57 19.01
CA VAL A 74 16.83 12.79 18.86
C VAL A 74 16.59 14.27 18.63
N VAL A 75 16.23 14.62 17.40
CA VAL A 75 16.09 16.03 17.00
C VAL A 75 14.65 16.39 16.78
N GLY A 76 14.10 17.24 17.62
CA GLY A 76 12.71 17.59 17.52
C GLY A 76 12.63 18.92 16.81
N VAL A 77 11.76 19.03 15.82
CA VAL A 77 11.70 20.23 14.99
C VAL A 77 10.27 20.74 15.11
N ASP A 78 10.12 22.00 15.49
CA ASP A 78 8.82 22.64 15.53
C ASP A 78 9.01 24.16 15.43
N PRO A 79 8.24 24.82 14.58
CA PRO A 79 8.28 26.31 14.63
C PRO A 79 7.76 26.95 15.93
N ALA A 80 6.84 26.28 16.60
CA ALA A 80 6.25 26.82 17.83
C ALA A 80 7.18 26.54 18.98
N TRP A 81 8.34 27.20 19.00
CA TRP A 81 9.37 26.80 19.97
C TRP A 81 9.02 26.96 21.47
N GLN A 82 8.14 27.89 21.81
CA GLN A 82 7.79 28.16 23.22
C GLN A 82 7.14 26.95 23.81
N ARG A 83 6.40 26.22 23.03
CA ARG A 83 5.77 25.04 23.57
C ARG A 83 6.77 23.94 24.00
N MET A 84 7.99 23.99 23.49
CA MET A 84 8.97 22.96 23.76
C MET A 84 9.78 23.29 25.02
N THR A 85 9.62 24.50 25.55
CA THR A 85 10.62 24.98 26.54
C THR A 85 10.58 24.19 27.84
N GLU A 86 9.39 23.76 28.26
CA GLU A 86 9.28 22.91 29.45
C GLU A 86 10.08 21.62 29.34
N THR A 87 9.91 20.90 28.25
CA THR A 87 10.74 19.75 28.04
C THR A 87 12.24 20.13 27.96
N ALA A 88 12.56 21.22 27.27
CA ALA A 88 13.97 21.65 27.15
C ALA A 88 14.64 21.88 28.52
N VAL A 89 13.88 22.50 29.44
CA VAL A 89 14.38 22.81 30.81
C VAL A 89 14.68 21.44 31.46
N ARG A 90 13.77 20.49 31.27
CA ARG A 90 13.94 19.15 31.84
C ARG A 90 15.14 18.44 31.23
N ALA A 91 15.23 18.44 29.89
CA ALA A 91 16.34 17.78 29.21
C ALA A 91 17.74 18.34 29.56
N ALA A 92 17.79 19.59 30.04
CA ALA A 92 19.05 20.26 30.31
C ALA A 92 19.56 20.04 31.72
N ARG A 93 18.80 19.37 32.57
CA ARG A 93 19.25 19.09 33.94
C ARG A 93 20.35 18.04 33.95
N LYS A 94 20.98 17.81 35.07
CA LYS A 94 21.96 16.76 35.14
C LYS A 94 21.32 15.43 34.76
N PRO A 95 22.15 14.49 34.32
CA PRO A 95 21.62 13.11 34.02
C PRO A 95 20.74 12.52 35.17
N ALA A 96 21.23 12.57 36.41
CA ALA A 96 20.46 12.02 37.53
C ALA A 96 19.13 12.72 37.75
N LYS A 97 18.90 13.91 37.19
CA LYS A 97 17.65 14.61 37.42
C LYS A 97 16.72 14.69 36.17
N GLY A 98 16.95 13.82 35.21
CA GLY A 98 16.10 13.73 34.04
C GLY A 98 16.74 14.34 32.80
N GLY A 99 18.05 14.59 32.88
CA GLY A 99 18.77 15.17 31.74
C GLY A 99 18.80 14.23 30.52
N ALA A 100 18.68 14.82 29.34
CA ALA A 100 18.78 14.12 28.06
C ALA A 100 19.58 14.95 27.08
N PRO A 101 20.90 14.84 27.16
CA PRO A 101 21.75 15.66 26.34
C PRO A 101 21.71 15.22 24.89
N ASN A 102 21.18 14.01 24.57
CA ASN A 102 20.98 13.56 23.20
C ASN A 102 19.71 14.15 22.48
N LEU A 103 18.95 14.99 23.16
CA LEU A 103 17.75 15.64 22.64
C LEU A 103 18.10 17.01 22.19
N VAL A 104 17.90 17.31 20.93
CA VAL A 104 18.20 18.62 20.37
C VAL A 104 16.89 19.15 19.83
N LEU A 105 16.47 20.29 20.31
CA LEU A 105 15.20 20.87 19.81
C LEU A 105 15.47 22.09 19.01
N VAL A 106 14.95 22.06 17.80
CA VAL A 106 15.22 23.04 16.80
C VAL A 106 13.97 23.84 16.42
N SER A 107 14.12 25.15 16.48
CA SER A 107 13.07 26.06 16.07
C SER A 107 13.10 26.20 14.55
N SER A 108 12.18 25.55 13.85
CA SER A 108 12.07 25.72 12.41
C SER A 108 10.81 25.04 11.88
N ALA A 109 10.34 25.52 10.75
CA ALA A 109 9.24 24.93 10.03
C ALA A 109 9.88 23.93 9.09
N ILE A 110 9.20 22.82 8.79
CA ILE A 110 9.82 21.78 7.92
C ILE A 110 9.99 22.25 6.48
N GLU A 111 9.10 23.11 6.03
CA GLU A 111 9.20 23.58 4.66
C GLU A 111 10.37 24.57 4.41
N THR A 112 10.90 25.20 5.43
CA THR A 112 12.08 26.03 5.27
C THR A 112 13.22 25.54 6.19
N VAL A 113 13.49 24.25 6.11
CA VAL A 113 14.45 23.66 7.02
C VAL A 113 15.92 24.09 6.71
N PRO A 114 16.63 24.59 7.71
CA PRO A 114 18.00 25.10 7.41
C PRO A 114 18.95 24.03 6.90
N ALA A 115 20.02 24.46 6.23
CA ALA A 115 20.91 23.56 5.50
C ALA A 115 21.57 22.54 6.42
N ALA A 116 21.74 22.90 7.69
CA ALA A 116 22.48 22.04 8.60
C ALA A 116 21.70 20.81 8.99
N LEU A 117 20.40 20.79 8.67
CA LEU A 117 19.57 19.65 8.91
C LEU A 117 19.42 18.80 7.63
N HIS A 118 20.00 19.22 6.51
CA HIS A 118 19.90 18.45 5.28
C HIS A 118 20.64 17.17 5.34
N GLY A 119 19.96 16.08 4.96
CA GLY A 119 20.58 14.78 4.89
C GLY A 119 21.03 14.18 6.21
N VAL A 120 20.49 14.60 7.35
CA VAL A 120 21.02 14.08 8.60
C VAL A 120 20.36 12.82 9.11
N ALA A 121 19.12 12.57 8.72
CA ALA A 121 18.29 11.66 9.47
C ALA A 121 18.38 10.22 8.94
N ASP A 122 18.54 9.27 9.86
CA ASP A 122 18.28 7.90 9.61
C ASP A 122 16.79 7.55 9.64
N GLU A 123 15.95 8.36 10.26
CA GLU A 123 14.52 8.09 10.37
C GLU A 123 13.84 9.42 10.60
N VAL A 124 12.72 9.66 9.94
CA VAL A 124 11.93 10.94 10.04
C VAL A 124 10.57 10.50 10.49
N MET A 125 10.06 11.09 11.57
CA MET A 125 8.79 10.71 12.07
C MET A 125 7.95 11.94 12.02
N VAL A 126 6.64 11.77 11.67
CA VAL A 126 5.65 12.78 11.76
C VAL A 126 4.48 12.13 12.50
N LEU A 127 4.44 12.33 13.79
CA LEU A 127 3.45 11.67 14.65
C LEU A 127 2.31 12.64 15.01
N MET A 128 1.06 12.26 14.70
CA MET A 128 -0.11 13.11 14.98
C MET A 128 0.11 14.59 14.65
N PRO A 129 0.44 14.91 13.39
CA PRO A 129 0.54 16.30 13.08
C PRO A 129 -0.75 17.11 13.13
N TRP A 130 -0.60 18.41 13.23
CA TRP A 130 -1.64 19.32 12.87
C TRP A 130 -1.12 20.49 12.07
N GLY A 131 -2.04 21.37 11.70
CA GLY A 131 -1.74 22.57 10.96
C GLY A 131 -1.19 22.27 9.58
N LYS A 132 -0.25 23.09 9.18
CA LYS A 132 0.38 22.95 7.88
C LYS A 132 0.99 21.56 7.62
N LEU A 133 1.62 20.98 8.63
CA LEU A 133 2.24 19.68 8.52
C LEU A 133 1.22 18.59 8.19
N LEU A 134 0.05 18.63 8.86
CA LEU A 134 -1.03 17.68 8.66
C LEU A 134 -1.67 17.86 7.25
N ARG A 135 -2.14 19.05 6.96
CA ARG A 135 -2.63 19.33 5.59
C ARG A 135 -1.57 18.97 4.52
N GLY A 136 -0.33 19.28 4.78
CA GLY A 136 0.73 18.99 3.85
C GLY A 136 0.88 17.51 3.58
N VAL A 137 0.89 16.70 4.61
CA VAL A 137 0.98 15.29 4.38
C VAL A 137 -0.26 14.67 3.80
N VAL A 138 -1.44 15.16 4.19
CA VAL A 138 -2.67 14.69 3.58
C VAL A 138 -2.83 14.98 2.11
N LEU A 139 -2.50 16.20 1.70
CA LEU A 139 -2.54 16.54 0.32
C LEU A 139 -1.32 16.12 -0.45
N GLY A 140 -0.25 15.91 0.26
CA GLY A 140 1.03 15.77 -0.45
C GLY A 140 1.51 17.09 -1.08
N GLU A 141 1.48 18.17 -0.29
CA GLU A 141 2.02 19.45 -0.68
C GLU A 141 3.56 19.36 -0.83
N ALA A 142 4.03 19.89 -1.97
CA ALA A 142 5.41 19.77 -2.36
C ALA A 142 6.41 20.35 -1.33
N ASP A 143 6.10 21.52 -0.80
CA ASP A 143 6.99 22.17 0.11
C ASP A 143 7.20 21.35 1.42
N VAL A 144 6.10 20.83 1.97
CA VAL A 144 6.18 19.92 3.14
C VAL A 144 6.91 18.59 2.83
N LEU A 145 6.53 17.90 1.75
CA LEU A 145 7.15 16.64 1.38
C LEU A 145 8.60 16.80 0.97
N SER A 146 8.98 17.93 0.34
CA SER A 146 10.37 18.24 0.03
C SER A 146 11.20 18.49 1.22
N GLY A 147 10.66 19.22 2.18
CA GLY A 147 11.33 19.47 3.43
C GLY A 147 11.56 18.18 4.16
N LEU A 148 10.56 17.30 4.21
CA LEU A 148 10.72 16.06 4.90
C LEU A 148 11.81 15.25 4.22
N ARG A 149 11.80 15.29 2.86
CA ARG A 149 12.77 14.48 2.12
C ARG A 149 14.16 15.07 2.30
N ALA A 150 14.26 16.39 2.47
CA ALA A 150 15.58 17.00 2.44
C ALA A 150 16.37 16.63 3.72
N VAL A 151 15.71 16.31 4.84
CA VAL A 151 16.37 15.97 6.08
C VAL A 151 16.80 14.50 6.18
N ALA A 152 16.28 13.65 5.32
CA ALA A 152 16.57 12.25 5.33
C ALA A 152 17.83 11.90 4.60
N LYS A 153 18.56 10.93 5.11
CA LYS A 153 19.61 10.26 4.29
C LYS A 153 18.86 9.33 3.30
N PRO A 154 19.50 9.03 2.17
CA PRO A 154 18.93 8.03 1.29
C PRO A 154 18.73 6.71 2.06
N GLY A 155 17.59 6.03 1.85
CA GLY A 155 17.27 4.83 2.61
C GLY A 155 16.56 5.04 3.92
N ALA A 156 16.52 6.26 4.46
CA ALA A 156 15.81 6.45 5.69
C ALA A 156 14.27 6.24 5.56
N PRO A 157 13.66 5.61 6.56
CA PRO A 157 12.16 5.58 6.64
C PRO A 157 11.50 6.91 7.05
N LEU A 158 10.33 7.20 6.45
CA LEU A 158 9.47 8.26 6.95
C LEU A 158 8.32 7.51 7.60
N GLU A 159 7.94 7.87 8.82
CA GLU A 159 6.84 7.22 9.55
C GLU A 159 5.84 8.26 9.94
N ILE A 160 4.66 8.20 9.35
CA ILE A 160 3.60 9.14 9.60
C ILE A 160 2.45 8.39 10.25
N SER A 161 1.94 8.96 11.33
CA SER A 161 0.74 8.47 12.03
C SER A 161 -0.28 9.56 12.16
N ILE A 162 -1.46 9.34 11.64
CA ILE A 162 -2.56 10.29 11.84
C ILE A 162 -3.73 9.54 12.51
N GLY A 163 -4.14 9.99 13.66
CA GLY A 163 -5.44 9.57 14.31
C GLY A 163 -6.67 9.82 13.45
N THR A 164 -7.47 8.83 13.14
CA THR A 164 -8.50 9.10 12.15
C THR A 164 -9.70 9.78 12.83
N SER A 165 -9.68 9.92 14.14
CA SER A 165 -10.79 10.59 14.77
C SER A 165 -10.74 12.12 14.47
N ILE A 166 -9.67 12.65 13.89
CA ILE A 166 -9.72 14.07 13.56
C ILE A 166 -10.75 14.32 12.48
N TRP A 167 -11.11 13.29 11.68
CA TRP A 167 -12.13 13.44 10.67
C TRP A 167 -13.55 13.33 11.24
N ARG A 168 -13.73 13.10 12.52
CA ARG A 168 -15.13 13.22 13.00
C ARG A 168 -15.40 14.64 13.51
N GLU A 169 -16.66 15.07 13.42
CA GLU A 169 -17.07 16.44 13.78
C GLU A 169 -16.72 16.77 15.22
N PRO A 170 -16.22 17.99 15.50
CA PRO A 170 -16.03 19.12 14.62
C PRO A 170 -14.66 18.91 13.94
N ILE A 171 -14.60 18.96 12.64
CA ILE A 171 -13.37 18.75 11.96
C ILE A 171 -12.50 20.02 11.94
N PRO A 172 -11.25 19.89 12.20
CA PRO A 172 -10.45 21.09 12.23
C PRO A 172 -10.27 21.72 10.85
N LEU A 173 -10.16 23.03 10.88
CA LEU A 173 -10.09 23.85 9.73
C LEU A 173 -9.07 23.40 8.71
N GLU A 174 -7.91 22.94 9.15
CA GLU A 174 -6.86 22.61 8.21
C GLU A 174 -7.16 21.38 7.33
N ILE A 175 -8.15 20.60 7.72
CA ILE A 175 -8.56 19.44 6.82
C ILE A 175 -10.06 19.38 6.55
N ARG A 176 -10.80 20.40 6.94
CA ARG A 176 -12.26 20.44 6.76
C ARG A 176 -12.74 20.11 5.37
N ASP A 177 -11.99 20.53 4.37
CA ASP A 177 -12.45 20.46 3.00
C ASP A 177 -12.00 19.19 2.34
N LEU A 178 -11.23 18.37 3.03
CA LEU A 178 -10.63 17.15 2.49
C LEU A 178 -11.35 15.87 2.98
N PRO A 179 -11.57 14.93 2.05
CA PRO A 179 -12.14 13.64 2.47
C PRO A 179 -11.19 12.89 3.39
N GLU A 180 -11.74 12.02 4.20
CA GLU A 180 -10.97 11.35 5.23
C GLU A 180 -9.87 10.51 4.53
N LEU A 181 -8.69 10.46 5.10
CA LEU A 181 -7.59 9.76 4.46
C LEU A 181 -7.71 8.31 4.93
N THR A 182 -7.91 7.40 3.98
CA THR A 182 -7.92 5.94 4.21
C THR A 182 -6.82 5.33 3.27
N PRO A 183 -6.53 4.04 3.42
CA PRO A 183 -5.57 3.44 2.46
C PRO A 183 -6.02 3.64 1.03
N GLU A 184 -7.31 3.58 0.79
CA GLU A 184 -7.86 3.73 -0.56
C GLU A 184 -7.71 5.18 -1.07
N THR A 185 -8.00 6.18 -0.22
CA THR A 185 -7.81 7.52 -0.72
C THR A 185 -6.35 7.96 -0.74
N VAL A 186 -5.46 7.32 0.00
CA VAL A 186 -4.03 7.60 -0.18
C VAL A 186 -3.68 7.37 -1.66
N VAL A 187 -4.25 6.32 -2.22
CA VAL A 187 -4.03 6.00 -3.60
C VAL A 187 -4.82 6.85 -4.53
N SER A 188 -6.13 6.95 -4.31
CA SER A 188 -6.98 7.53 -5.36
C SER A 188 -6.83 9.08 -5.37
N THR A 189 -6.38 9.70 -4.28
CA THR A 189 -6.05 11.14 -4.39
C THR A 189 -4.72 11.44 -5.08
N GLY A 190 -3.93 10.44 -5.39
CA GLY A 190 -2.65 10.74 -5.99
C GLY A 190 -1.51 10.91 -5.02
N LEU A 191 -1.77 10.75 -3.71
CA LEU A 191 -0.76 10.95 -2.70
C LEU A 191 0.43 10.03 -2.83
N THR A 192 0.29 8.75 -3.26
CA THR A 192 1.51 7.93 -3.42
C THR A 192 2.32 8.43 -4.63
N ASP A 193 1.66 8.96 -5.66
CA ASP A 193 2.38 9.55 -6.81
C ASP A 193 3.18 10.85 -6.46
N ARG A 194 2.60 11.74 -5.68
CA ARG A 194 3.28 12.96 -5.19
C ARG A 194 4.42 12.58 -4.31
N LEU A 195 4.24 11.53 -3.53
CA LEU A 195 5.35 11.05 -2.69
C LEU A 195 6.48 10.58 -3.60
N ALA A 196 6.15 9.83 -4.64
CA ALA A 196 7.18 9.29 -5.48
C ALA A 196 7.91 10.41 -6.26
N ALA A 197 7.18 11.46 -6.60
CA ALA A 197 7.75 12.52 -7.42
C ALA A 197 8.75 13.31 -6.59
N LEU A 198 8.61 13.23 -5.26
CA LEU A 198 9.54 13.93 -4.34
C LEU A 198 10.55 13.07 -3.56
N GLY A 199 10.71 11.82 -3.96
CA GLY A 199 11.79 10.98 -3.45
C GLY A 199 11.35 10.14 -2.24
N TRP A 200 10.04 9.85 -2.11
CA TRP A 200 9.49 9.01 -1.03
C TRP A 200 8.76 7.77 -1.63
N GLN A 201 9.26 6.56 -1.40
CA GLN A 201 8.63 5.37 -1.98
C GLN A 201 7.76 4.72 -0.88
N VAL A 202 6.45 4.72 -1.06
CA VAL A 202 5.53 4.16 -0.04
C VAL A 202 5.85 2.68 0.15
N ALA A 203 6.12 2.25 1.35
CA ALA A 203 6.47 0.84 1.61
C ALA A 203 5.31 0.15 2.25
N ASP A 204 4.47 0.90 2.96
CA ASP A 204 3.36 0.29 3.74
C ASP A 204 2.40 1.36 4.20
N VAL A 205 1.13 1.02 4.14
CA VAL A 205 0.11 1.82 4.74
C VAL A 205 -0.77 0.83 5.55
N ARG A 206 -1.15 1.16 6.78
CA ARG A 206 -2.19 0.39 7.46
C ARG A 206 -2.97 1.22 8.47
N LEU A 207 -4.19 0.76 8.73
CA LEU A 207 -5.05 1.30 9.78
C LEU A 207 -5.00 0.40 10.96
N VAL A 208 -4.56 0.89 12.11
CA VAL A 208 -4.33 0.06 13.28
C VAL A 208 -5.32 0.46 14.37
N PRO A 209 -6.32 -0.41 14.67
CA PRO A 209 -7.37 -0.14 15.66
C PRO A 209 -7.05 0.09 17.13
N HIS A 210 -5.78 0.23 17.53
CA HIS A 210 -5.50 0.92 18.82
C HIS A 210 -4.02 1.27 18.95
N THR A 229 -9.62 3.25 22.53
CA THR A 229 -9.12 2.67 21.29
C THR A 229 -9.46 3.57 20.08
N GLU A 230 -8.57 4.50 19.75
CA GLU A 230 -8.70 5.28 18.51
C GLU A 230 -7.96 4.56 17.37
N THR A 231 -8.56 4.57 16.19
CA THR A 231 -7.90 4.01 15.00
C THR A 231 -6.81 4.97 14.39
N VAL A 232 -5.58 4.50 14.20
CA VAL A 232 -4.54 5.34 13.64
C VAL A 232 -4.11 4.92 12.22
N LEU A 233 -4.05 5.85 11.28
CA LEU A 233 -3.46 5.56 9.97
C LEU A 233 -1.94 5.70 9.99
N HIS A 234 -1.21 4.66 9.60
CA HIS A 234 0.29 4.69 9.60
C HIS A 234 0.67 4.59 8.17
N LEU A 235 1.61 5.42 7.78
CA LEU A 235 2.21 5.42 6.45
C LEU A 235 3.67 5.35 6.61
N ARG A 236 4.29 4.39 5.94
CA ARG A 236 5.74 4.28 5.92
C ARG A 236 6.22 4.38 4.50
N ALA A 237 7.22 5.22 4.32
CA ALA A 237 7.90 5.39 3.03
C ALA A 237 9.43 5.40 3.25
N VAL A 238 10.17 5.24 2.18
CA VAL A 238 11.61 5.12 2.22
C VAL A 238 12.20 6.14 1.26
N ALA A 239 13.25 6.79 1.71
CA ALA A 239 13.84 7.86 0.98
C ALA A 239 14.65 7.29 -0.19
N VAL A 240 14.24 7.67 -1.39
CA VAL A 240 14.92 7.34 -2.63
C VAL A 240 15.01 8.58 -3.56
N ASP A 241 15.52 8.36 -4.76
CA ASP A 241 15.54 9.36 -5.83
C ASP A 241 14.11 9.67 -6.24
N PRO A 242 13.84 10.93 -6.59
CA PRO A 242 12.58 11.31 -7.27
C PRO A 242 12.25 10.41 -8.48
N ARG A 243 10.96 10.08 -8.70
CA ARG A 243 10.44 9.38 -9.92
C ARG A 243 9.41 10.21 -10.76
N ASP A 244 8.85 9.60 -11.82
CA ASP A 244 7.72 10.11 -12.65
C ASP A 244 6.55 9.13 -12.79
N ALA B 23 -25.36 -12.79 1.63
CA ALA B 23 -25.12 -13.89 0.66
C ALA B 23 -24.44 -13.37 -0.60
N LEU B 24 -23.82 -14.30 -1.33
CA LEU B 24 -23.29 -14.01 -2.66
C LEU B 24 -24.14 -14.72 -3.75
N LYS B 25 -24.23 -14.06 -4.90
CA LYS B 25 -24.91 -14.59 -6.08
C LYS B 25 -24.03 -15.53 -6.89
N VAL B 26 -24.39 -16.81 -6.89
CA VAL B 26 -23.60 -17.84 -7.64
C VAL B 26 -24.39 -18.44 -8.78
N LEU B 27 -23.69 -19.01 -9.75
CA LEU B 27 -24.41 -19.70 -10.79
C LEU B 27 -24.74 -21.13 -10.35
N ALA B 28 -25.94 -21.60 -10.65
CA ALA B 28 -26.24 -23.02 -10.65
C ALA B 28 -26.72 -23.30 -12.06
N GLY B 29 -25.86 -23.87 -12.90
CA GLY B 29 -26.19 -24.04 -14.32
C GLY B 29 -26.40 -22.68 -14.96
N LYS B 30 -27.59 -22.45 -15.50
CA LYS B 30 -27.87 -21.21 -16.21
C LYS B 30 -28.47 -20.09 -15.33
N LYS B 31 -28.91 -20.42 -14.12
CA LYS B 31 -29.59 -19.44 -13.27
C LYS B 31 -28.64 -18.88 -12.20
N LEU B 32 -28.75 -17.59 -11.92
CA LEU B 32 -28.13 -17.05 -10.74
C LEU B 32 -28.96 -17.40 -9.53
N THR B 33 -28.31 -17.79 -8.44
CA THR B 33 -29.00 -18.10 -7.18
C THR B 33 -28.22 -17.58 -5.99
N ASP B 34 -28.87 -17.60 -4.82
CA ASP B 34 -28.24 -17.16 -3.56
C ASP B 34 -27.60 -18.36 -2.90
N LEU B 35 -26.39 -18.19 -2.39
CA LEU B 35 -25.68 -19.33 -1.80
C LEU B 35 -25.81 -19.28 -0.30
N ASP B 36 -26.28 -20.40 0.26
CA ASP B 36 -26.48 -20.60 1.69
C ASP B 36 -25.15 -20.33 2.41
N PRO B 37 -25.16 -19.37 3.34
CA PRO B 37 -23.91 -19.05 4.05
C PRO B 37 -23.30 -20.21 4.85
N ASP B 38 -24.12 -21.19 5.21
CA ASP B 38 -23.65 -22.42 5.86
C ASP B 38 -23.12 -23.46 4.88
N GLU B 39 -23.70 -23.54 3.69
CA GLU B 39 -23.09 -24.28 2.62
C GLU B 39 -21.78 -23.60 2.20
N TRP B 40 -21.68 -22.28 2.33
CA TRP B 40 -20.47 -21.59 1.95
C TRP B 40 -19.35 -21.81 2.95
N ALA B 41 -19.74 -21.81 4.22
CA ALA B 41 -18.81 -22.09 5.29
C ALA B 41 -18.37 -23.56 5.29
N LYS B 42 -19.27 -24.48 4.98
CA LYS B 42 -18.89 -25.89 4.88
C LYS B 42 -17.88 -26.07 3.77
N ALA B 43 -18.17 -25.48 2.61
CA ALA B 43 -17.32 -25.64 1.44
C ALA B 43 -15.94 -25.18 1.78
N GLN B 44 -15.80 -24.01 2.36
CA GLN B 44 -14.44 -23.50 2.71
C GLN B 44 -13.69 -24.40 3.69
N ALA B 45 -14.39 -24.83 4.73
CA ALA B 45 -13.82 -25.72 5.72
C ALA B 45 -13.36 -27.09 5.10
N SER B 46 -14.10 -27.58 4.12
CA SER B 46 -13.75 -28.85 3.48
C SER B 46 -12.55 -28.72 2.51
N ALA B 47 -12.07 -27.52 2.23
CA ALA B 47 -11.04 -27.33 1.23
C ALA B 47 -9.64 -27.25 1.78
N GLU B 48 -8.71 -27.81 1.03
CA GLU B 48 -7.32 -27.75 1.40
C GLU B 48 -6.76 -26.32 1.12
N ARG B 49 -7.30 -25.65 0.12
CA ARG B 49 -6.82 -24.34 -0.30
C ARG B 49 -7.98 -23.66 -1.04
N ILE B 50 -8.10 -22.36 -0.92
CA ILE B 50 -9.05 -21.63 -1.68
C ILE B 50 -8.41 -20.70 -2.66
N LEU B 51 -8.85 -20.79 -3.87
CA LEU B 51 -8.30 -19.99 -4.93
C LEU B 51 -9.43 -19.11 -5.46
N VAL B 52 -9.16 -17.81 -5.49
CA VAL B 52 -10.04 -16.83 -6.10
C VAL B 52 -9.43 -16.39 -7.47
N ASP B 53 -10.15 -16.71 -8.54
CA ASP B 53 -9.79 -16.37 -9.93
C ASP B 53 -10.63 -15.16 -10.43
N VAL B 54 -10.03 -14.01 -10.51
CA VAL B 54 -10.77 -12.76 -10.79
C VAL B 54 -10.71 -12.47 -12.25
N GLY B 55 -11.84 -12.24 -12.84
CA GLY B 55 -11.91 -11.97 -14.28
C GLY B 55 -11.90 -13.30 -15.04
N THR B 56 -12.86 -14.17 -14.75
CA THR B 56 -12.71 -15.58 -15.13
C THR B 56 -13.23 -15.83 -16.52
N GLY B 57 -13.99 -14.87 -17.06
CA GLY B 57 -14.37 -14.92 -18.48
C GLY B 57 -15.29 -16.12 -18.69
N ASP B 58 -14.92 -17.02 -19.60
CA ASP B 58 -15.76 -18.18 -19.89
C ASP B 58 -15.61 -19.29 -18.84
N ALA B 59 -14.64 -19.11 -17.95
CA ALA B 59 -14.42 -19.93 -16.77
C ALA B 59 -13.86 -21.29 -17.14
N ARG B 60 -13.41 -21.40 -18.37
CA ARG B 60 -12.84 -22.67 -18.80
C ARG B 60 -11.57 -22.99 -18.09
N THR B 61 -10.77 -21.97 -17.81
CA THR B 61 -9.54 -22.23 -17.15
C THR B 61 -9.81 -22.56 -15.68
N ALA B 62 -10.65 -21.77 -15.06
CA ALA B 62 -11.05 -22.08 -13.68
C ALA B 62 -11.54 -23.55 -13.58
N TYR B 63 -12.37 -23.97 -14.51
CA TYR B 63 -12.89 -25.33 -14.54
C TYR B 63 -11.79 -26.41 -14.59
N ARG B 64 -10.82 -26.26 -15.52
CA ARG B 64 -9.72 -27.20 -15.64
C ARG B 64 -8.88 -27.24 -14.37
N GLN B 65 -8.71 -26.12 -13.70
CA GLN B 65 -8.02 -26.08 -12.39
C GLN B 65 -8.87 -26.82 -11.31
N ALA B 66 -10.18 -26.63 -11.34
CA ALA B 66 -11.03 -27.33 -10.36
C ALA B 66 -10.95 -28.85 -10.56
N ILE B 67 -10.81 -29.26 -11.85
CA ILE B 67 -10.78 -30.67 -12.20
C ILE B 67 -9.41 -31.26 -11.88
N ALA B 68 -8.35 -30.51 -12.09
CA ALA B 68 -7.00 -30.96 -11.71
C ALA B 68 -6.76 -30.94 -10.19
N HIS B 69 -7.52 -30.15 -9.47
CA HIS B 69 -7.33 -30.05 -8.02
C HIS B 69 -8.61 -30.14 -7.25
N PRO B 70 -9.14 -31.30 -7.12
CA PRO B 70 -10.48 -31.36 -6.51
C PRO B 70 -10.52 -30.98 -5.04
N GLU B 71 -9.34 -30.84 -4.43
CA GLU B 71 -9.20 -30.46 -3.04
C GLU B 71 -9.18 -28.93 -2.88
N TRP B 72 -9.06 -28.23 -3.98
CA TRP B 72 -9.16 -26.76 -3.98
C TRP B 72 -10.57 -26.30 -4.26
N LEU B 73 -11.01 -25.33 -3.50
CA LEU B 73 -12.21 -24.62 -3.87
C LEU B 73 -11.75 -23.50 -4.79
N VAL B 74 -12.34 -23.48 -5.96
CA VAL B 74 -11.92 -22.61 -7.04
C VAL B 74 -13.09 -21.69 -7.30
N VAL B 75 -12.87 -20.44 -6.98
CA VAL B 75 -13.91 -19.46 -7.00
C VAL B 75 -13.67 -18.47 -8.10
N GLY B 76 -14.53 -18.46 -9.12
CA GLY B 76 -14.40 -17.61 -10.30
C GLY B 76 -15.31 -16.42 -10.07
N VAL B 77 -14.80 -15.21 -10.26
CA VAL B 77 -15.50 -13.98 -10.03
C VAL B 77 -15.51 -13.16 -11.31
N ASP B 78 -16.70 -12.82 -11.80
CA ASP B 78 -16.84 -12.03 -13.02
C ASP B 78 -18.26 -11.42 -13.09
N PRO B 79 -18.38 -10.14 -13.43
CA PRO B 79 -19.67 -9.49 -13.57
C PRO B 79 -20.39 -9.91 -14.82
N ALA B 80 -19.66 -10.41 -15.80
CA ALA B 80 -20.33 -10.85 -17.04
C ALA B 80 -20.74 -12.29 -16.83
N TRP B 81 -21.77 -12.52 -16.01
CA TRP B 81 -22.12 -13.89 -15.62
C TRP B 81 -22.62 -14.79 -16.72
N GLN B 82 -23.33 -14.24 -17.69
CA GLN B 82 -23.83 -14.99 -18.82
C GLN B 82 -22.73 -15.69 -19.61
N ARG B 83 -21.55 -15.10 -19.73
CA ARG B 83 -20.40 -15.78 -20.35
C ARG B 83 -19.92 -17.09 -19.65
N MET B 84 -20.36 -17.31 -18.43
CA MET B 84 -19.82 -18.38 -17.59
C MET B 84 -20.79 -19.54 -17.61
N THR B 85 -21.97 -19.37 -18.21
CA THR B 85 -23.08 -20.29 -18.00
C THR B 85 -22.79 -21.65 -18.62
N GLU B 86 -22.12 -21.66 -19.77
CA GLU B 86 -21.73 -22.89 -20.40
C GLU B 86 -20.86 -23.74 -19.47
N THR B 87 -19.81 -23.13 -18.88
CA THR B 87 -19.00 -23.85 -17.95
C THR B 87 -19.82 -24.28 -16.73
N ALA B 88 -20.63 -23.38 -16.19
CA ALA B 88 -21.45 -23.71 -14.99
C ALA B 88 -22.32 -24.93 -15.25
N VAL B 89 -22.97 -24.99 -16.41
CA VAL B 89 -23.80 -26.17 -16.80
C VAL B 89 -22.92 -27.45 -16.81
N ARG B 90 -21.75 -27.40 -17.43
CA ARG B 90 -20.83 -28.54 -17.41
C ARG B 90 -20.41 -28.95 -15.95
N ALA B 91 -20.06 -27.97 -15.12
CA ALA B 91 -19.58 -28.24 -13.75
C ALA B 91 -20.68 -28.79 -12.83
N ALA B 92 -21.92 -28.51 -13.18
CA ALA B 92 -23.07 -28.95 -12.41
C ALA B 92 -23.44 -30.39 -12.73
N ARG B 93 -22.86 -30.97 -13.78
CA ARG B 93 -23.18 -32.34 -14.24
C ARG B 93 -22.68 -33.34 -13.18
N LYS B 94 -23.06 -34.60 -13.27
CA LYS B 94 -22.64 -35.59 -12.28
C LYS B 94 -21.15 -35.81 -12.41
N PRO B 95 -20.51 -36.36 -11.36
CA PRO B 95 -19.04 -36.45 -11.33
C PRO B 95 -18.49 -37.29 -12.48
N ALA B 96 -19.13 -38.42 -12.77
CA ALA B 96 -18.76 -39.19 -13.92
C ALA B 96 -18.78 -38.34 -15.21
N LYS B 97 -19.58 -37.30 -15.28
CA LYS B 97 -19.79 -36.66 -16.57
C LYS B 97 -19.22 -35.26 -16.62
N GLY B 98 -18.07 -35.06 -15.98
CA GLY B 98 -17.36 -33.77 -15.96
C GLY B 98 -17.75 -32.76 -14.89
N GLY B 99 -18.54 -33.16 -13.89
CA GLY B 99 -18.94 -32.32 -12.78
C GLY B 99 -17.74 -31.90 -11.92
N ALA B 100 -17.77 -30.65 -11.46
CA ALA B 100 -16.74 -30.08 -10.58
C ALA B 100 -17.48 -29.32 -9.50
N PRO B 101 -17.88 -30.02 -8.45
CA PRO B 101 -18.61 -29.44 -7.35
C PRO B 101 -17.76 -28.43 -6.54
N ASN B 102 -16.44 -28.42 -6.74
CA ASN B 102 -15.55 -27.47 -6.14
C ASN B 102 -15.39 -26.18 -6.92
N LEU B 103 -16.04 -26.03 -8.04
CA LEU B 103 -16.02 -24.78 -8.75
C LEU B 103 -17.23 -23.90 -8.33
N VAL B 104 -16.98 -22.70 -7.83
CA VAL B 104 -18.05 -21.78 -7.51
C VAL B 104 -17.90 -20.54 -8.32
N LEU B 105 -18.90 -20.23 -9.10
CA LEU B 105 -18.88 -19.09 -10.02
C LEU B 105 -19.78 -17.93 -9.54
N VAL B 106 -19.14 -16.81 -9.23
CA VAL B 106 -19.73 -15.71 -8.51
C VAL B 106 -19.97 -14.55 -9.44
N SER B 107 -21.19 -14.02 -9.45
CA SER B 107 -21.47 -12.87 -10.33
C SER B 107 -21.18 -11.61 -9.48
N SER B 108 -20.08 -10.94 -9.77
CA SER B 108 -19.68 -9.67 -9.06
C SER B 108 -18.46 -9.07 -9.74
N ALA B 109 -18.36 -7.75 -9.70
CA ALA B 109 -17.12 -7.05 -10.02
C ALA B 109 -16.23 -7.08 -8.78
N ILE B 110 -14.92 -7.08 -8.96
CA ILE B 110 -14.02 -7.26 -7.80
C ILE B 110 -14.10 -6.01 -6.88
N GLU B 111 -14.36 -4.85 -7.44
CA GLU B 111 -14.35 -3.65 -6.63
C GLU B 111 -15.54 -3.59 -5.67
N THR B 112 -16.59 -4.37 -5.90
CA THR B 112 -17.74 -4.37 -4.97
C THR B 112 -18.03 -5.80 -4.58
N VAL B 113 -16.97 -6.52 -4.30
CA VAL B 113 -17.01 -7.92 -3.94
C VAL B 113 -17.70 -8.04 -2.57
N PRO B 114 -18.69 -8.93 -2.46
CA PRO B 114 -19.42 -9.06 -1.20
C PRO B 114 -18.62 -9.61 -0.03
N ALA B 115 -19.16 -9.36 1.15
CA ALA B 115 -18.42 -9.59 2.39
C ALA B 115 -18.17 -11.07 2.62
N ALA B 116 -18.95 -11.95 2.04
CA ALA B 116 -18.74 -13.34 2.29
C ALA B 116 -17.43 -13.80 1.62
N LEU B 117 -16.90 -13.00 0.71
CA LEU B 117 -15.69 -13.34 0.04
C LEU B 117 -14.50 -12.72 0.73
N HIS B 118 -14.73 -11.93 1.79
CA HIS B 118 -13.61 -11.24 2.43
C HIS B 118 -12.76 -12.22 3.18
N GLY B 119 -11.49 -12.22 2.89
CA GLY B 119 -10.50 -12.94 3.69
C GLY B 119 -10.49 -14.44 3.44
N VAL B 120 -10.94 -14.92 2.28
CA VAL B 120 -11.08 -16.38 2.14
C VAL B 120 -9.93 -17.01 1.32
N ALA B 121 -9.30 -16.27 0.45
CA ALA B 121 -8.38 -16.85 -0.51
C ALA B 121 -6.98 -17.11 0.00
N ASP B 122 -6.48 -18.28 -0.32
CA ASP B 122 -5.07 -18.59 -0.14
C ASP B 122 -4.29 -18.13 -1.34
N GLU B 123 -4.96 -17.82 -2.43
CA GLU B 123 -4.24 -17.31 -3.62
C GLU B 123 -5.23 -16.53 -4.46
N VAL B 124 -4.80 -15.42 -5.06
CA VAL B 124 -5.67 -14.60 -5.94
C VAL B 124 -4.94 -14.54 -7.30
N MET B 125 -5.66 -14.87 -8.36
CA MET B 125 -5.14 -14.93 -9.71
C MET B 125 -5.90 -13.96 -10.58
N VAL B 126 -5.18 -13.28 -11.42
CA VAL B 126 -5.74 -12.32 -12.40
C VAL B 126 -4.99 -12.67 -13.69
N LEU B 127 -5.62 -13.48 -14.51
CA LEU B 127 -4.99 -14.07 -15.62
C LEU B 127 -5.57 -13.44 -16.87
N MET B 128 -4.74 -12.81 -17.69
CA MET B 128 -5.17 -12.18 -18.95
C MET B 128 -6.39 -11.29 -18.72
N PRO B 129 -6.27 -10.30 -17.82
CA PRO B 129 -7.50 -9.53 -17.63
C PRO B 129 -7.87 -8.63 -18.82
N TRP B 130 -9.10 -8.16 -18.89
CA TRP B 130 -9.35 -7.04 -19.78
C TRP B 130 -10.32 -6.06 -19.13
N GLY B 131 -10.67 -4.98 -19.82
CA GLY B 131 -11.56 -4.02 -19.27
C GLY B 131 -11.00 -3.33 -18.03
N LYS B 132 -11.89 -3.17 -17.06
CA LYS B 132 -11.67 -2.43 -15.85
C LYS B 132 -10.62 -3.10 -14.99
N LEU B 133 -10.68 -4.42 -14.96
CA LEU B 133 -9.73 -5.22 -14.22
C LEU B 133 -8.31 -4.99 -14.75
N LEU B 134 -8.16 -4.97 -16.07
CA LEU B 134 -6.87 -4.72 -16.71
C LEU B 134 -6.38 -3.31 -16.45
N ARG B 135 -7.21 -2.30 -16.76
CA ARG B 135 -6.82 -0.95 -16.52
C ARG B 135 -6.44 -0.74 -15.04
N GLY B 136 -7.22 -1.35 -14.15
CA GLY B 136 -7.06 -1.21 -12.73
C GLY B 136 -5.79 -1.81 -12.16
N VAL B 137 -5.39 -2.98 -12.65
CA VAL B 137 -4.15 -3.50 -12.26
C VAL B 137 -2.99 -2.80 -12.94
N VAL B 138 -3.18 -2.20 -14.12
CA VAL B 138 -2.05 -1.49 -14.74
C VAL B 138 -1.83 -0.12 -14.15
N LEU B 139 -2.90 0.58 -13.82
CA LEU B 139 -2.79 1.89 -13.21
C LEU B 139 -2.67 1.81 -11.71
N GLY B 140 -3.02 0.70 -11.12
CA GLY B 140 -3.12 0.64 -9.67
C GLY B 140 -4.35 1.41 -9.16
N GLU B 141 -5.52 1.15 -9.74
CA GLU B 141 -6.73 1.82 -9.25
C GLU B 141 -7.10 1.30 -7.88
N ALA B 142 -7.37 2.23 -7.01
CA ALA B 142 -7.67 1.93 -5.62
C ALA B 142 -8.81 0.92 -5.47
N ASP B 143 -9.91 1.14 -6.15
CA ASP B 143 -11.09 0.26 -5.94
C ASP B 143 -10.79 -1.20 -6.35
N VAL B 144 -10.00 -1.39 -7.42
CA VAL B 144 -9.70 -2.71 -7.92
C VAL B 144 -8.70 -3.38 -7.00
N LEU B 145 -7.59 -2.70 -6.73
CA LEU B 145 -6.58 -3.25 -5.82
C LEU B 145 -7.14 -3.51 -4.42
N SER B 146 -7.92 -2.61 -3.84
CA SER B 146 -8.46 -2.95 -2.50
C SER B 146 -9.45 -4.09 -2.57
N GLY B 147 -10.22 -4.22 -3.66
CA GLY B 147 -11.11 -5.39 -3.86
C GLY B 147 -10.26 -6.67 -3.93
N LEU B 148 -9.19 -6.69 -4.74
CA LEU B 148 -8.31 -7.84 -4.78
C LEU B 148 -7.75 -8.16 -3.39
N ARG B 149 -7.31 -7.13 -2.65
CA ARG B 149 -6.76 -7.39 -1.30
C ARG B 149 -7.86 -7.90 -0.32
N ALA B 150 -9.10 -7.43 -0.50
CA ALA B 150 -10.12 -7.76 0.47
C ALA B 150 -10.40 -9.25 0.48
N VAL B 151 -10.21 -9.92 -0.67
CA VAL B 151 -10.55 -11.34 -0.75
C VAL B 151 -9.47 -12.27 -0.15
N ALA B 152 -8.28 -11.73 0.08
CA ALA B 152 -7.13 -12.53 0.36
C ALA B 152 -6.93 -12.71 1.86
N LYS B 153 -6.40 -13.87 2.28
CA LYS B 153 -5.87 -14.04 3.62
C LYS B 153 -4.49 -13.37 3.71
N PRO B 154 -4.10 -13.01 4.90
CA PRO B 154 -2.73 -12.47 5.02
C PRO B 154 -1.72 -13.55 4.55
N GLY B 155 -0.71 -13.16 3.76
CA GLY B 155 0.24 -14.12 3.24
C GLY B 155 -0.17 -14.71 1.89
N ALA B 156 -1.37 -14.49 1.38
CA ALA B 156 -1.74 -15.10 0.12
C ALA B 156 -1.02 -14.34 -1.01
N PRO B 157 -0.65 -15.04 -2.05
CA PRO B 157 -0.06 -14.41 -3.20
C PRO B 157 -1.15 -13.89 -4.20
N LEU B 158 -0.88 -12.76 -4.83
CA LEU B 158 -1.64 -12.26 -5.95
C LEU B 158 -0.73 -12.57 -7.16
N GLU B 159 -1.25 -13.23 -8.18
CA GLU B 159 -0.50 -13.61 -9.38
C GLU B 159 -1.24 -12.97 -10.56
N ILE B 160 -0.61 -12.00 -11.21
CA ILE B 160 -1.18 -11.28 -12.34
C ILE B 160 -0.34 -11.65 -13.55
N SER B 161 -0.96 -12.04 -14.65
CA SER B 161 -0.29 -12.34 -15.91
C SER B 161 -0.98 -11.57 -17.03
N ILE B 162 -0.24 -10.80 -17.79
CA ILE B 162 -0.75 -10.03 -18.90
C ILE B 162 0.18 -10.24 -20.10
N GLY B 163 -0.42 -10.56 -21.24
CA GLY B 163 0.28 -10.77 -22.45
C GLY B 163 0.65 -9.43 -23.00
N THR B 164 1.90 -9.22 -23.43
CA THR B 164 2.29 -7.86 -23.76
C THR B 164 1.95 -7.48 -25.13
N SER B 165 1.52 -8.40 -25.94
CA SER B 165 1.10 -8.07 -27.31
C SER B 165 -0.07 -7.11 -27.37
N ILE B 166 -0.83 -6.97 -26.28
CA ILE B 166 -1.91 -6.03 -26.22
C ILE B 166 -1.41 -4.66 -26.36
N TRP B 167 -0.12 -4.43 -26.10
CA TRP B 167 0.43 -3.13 -26.40
C TRP B 167 0.87 -2.96 -27.86
N ARG B 168 0.59 -3.91 -28.74
CA ARG B 168 0.73 -3.75 -30.21
C ARG B 168 -0.61 -3.35 -30.84
N GLU B 169 -0.55 -2.53 -31.92
CA GLU B 169 -1.77 -2.09 -32.64
C GLU B 169 -2.58 -3.25 -33.21
N PRO B 170 -3.90 -3.25 -33.00
CA PRO B 170 -4.74 -2.26 -32.27
C PRO B 170 -4.68 -2.40 -30.74
N ILE B 171 -4.27 -1.35 -30.07
CA ILE B 171 -4.21 -1.40 -28.63
C ILE B 171 -5.64 -1.28 -28.16
N PRO B 172 -6.07 -2.17 -27.26
CA PRO B 172 -7.40 -2.02 -26.70
C PRO B 172 -7.59 -0.70 -25.95
N LEU B 173 -8.80 -0.17 -26.09
CA LEU B 173 -9.17 1.11 -25.51
C LEU B 173 -8.90 1.26 -24.05
N GLU B 174 -9.06 0.21 -23.26
CA GLU B 174 -8.88 0.35 -21.85
C GLU B 174 -7.40 0.60 -21.40
N ILE B 175 -6.45 0.51 -22.31
CA ILE B 175 -5.04 0.81 -21.98
C ILE B 175 -4.34 1.64 -23.05
N ARG B 176 -5.07 2.10 -24.06
CA ARG B 176 -4.51 2.96 -25.15
C ARG B 176 -3.61 4.11 -24.74
N ASP B 177 -3.93 4.72 -23.61
CA ASP B 177 -3.23 5.91 -23.10
C ASP B 177 -2.16 5.60 -22.10
N LEU B 178 -2.02 4.33 -21.74
CA LEU B 178 -1.14 3.90 -20.71
C LEU B 178 0.10 3.34 -21.38
N PRO B 179 1.26 3.54 -20.74
CA PRO B 179 2.48 3.03 -21.34
C PRO B 179 2.62 1.58 -20.97
N GLU B 180 3.26 0.81 -21.83
CA GLU B 180 3.47 -0.60 -21.59
C GLU B 180 4.10 -0.84 -20.23
N LEU B 181 3.50 -1.75 -19.48
CA LEU B 181 4.01 -2.11 -18.22
C LEU B 181 5.09 -3.20 -18.39
N THR B 182 6.20 -3.09 -17.65
CA THR B 182 7.33 -3.99 -17.72
C THR B 182 7.89 -4.06 -16.30
N PRO B 183 8.81 -4.99 -16.06
CA PRO B 183 9.42 -5.03 -14.76
C PRO B 183 9.92 -3.69 -14.29
N GLU B 184 10.61 -2.90 -15.12
CA GLU B 184 11.12 -1.58 -14.66
C GLU B 184 10.05 -0.51 -14.38
N THR B 185 9.02 -0.50 -15.21
CA THR B 185 8.03 0.51 -15.09
C THR B 185 7.04 0.22 -13.95
N VAL B 186 6.95 -1.00 -13.46
CA VAL B 186 6.16 -1.32 -12.25
C VAL B 186 6.58 -0.40 -11.13
N VAL B 187 7.89 -0.17 -11.00
CA VAL B 187 8.45 0.75 -10.03
C VAL B 187 8.33 2.21 -10.48
N SER B 188 8.89 2.55 -11.63
CA SER B 188 8.93 3.91 -12.05
C SER B 188 7.59 4.51 -12.34
N THR B 189 6.58 3.75 -12.72
CA THR B 189 5.25 4.36 -12.76
C THR B 189 4.56 4.56 -11.41
N GLY B 190 5.08 3.96 -10.34
CA GLY B 190 4.43 4.06 -9.02
C GLY B 190 3.41 2.99 -8.71
N LEU B 191 3.29 2.02 -9.59
CA LEU B 191 2.44 0.88 -9.31
C LEU B 191 2.84 0.12 -8.08
N THR B 192 4.12 -0.12 -7.85
CA THR B 192 4.51 -0.79 -6.60
C THR B 192 4.04 -0.05 -5.28
N ASP B 193 4.15 1.27 -5.24
CA ASP B 193 3.64 2.11 -4.15
C ASP B 193 2.12 1.99 -3.95
N ARG B 194 1.33 2.00 -5.06
CA ARG B 194 -0.11 1.89 -4.98
C ARG B 194 -0.43 0.57 -4.39
N LEU B 195 0.24 -0.47 -4.84
CA LEU B 195 0.04 -1.83 -4.30
C LEU B 195 0.36 -1.92 -2.80
N ALA B 196 1.48 -1.31 -2.42
CA ALA B 196 1.98 -1.33 -1.06
C ALA B 196 0.97 -0.60 -0.14
N ALA B 197 0.47 0.56 -0.58
CA ALA B 197 -0.50 1.35 0.09
C ALA B 197 -1.82 0.58 0.35
N LEU B 198 -2.08 -0.41 -0.45
CA LEU B 198 -3.31 -1.24 -0.27
C LEU B 198 -3.11 -2.67 0.19
N GLY B 199 -1.94 -2.99 0.77
CA GLY B 199 -1.67 -4.24 1.45
C GLY B 199 -1.12 -5.34 0.59
N TRP B 200 -0.55 -4.97 -0.57
CA TRP B 200 0.14 -5.85 -1.51
C TRP B 200 1.62 -5.50 -1.66
N GLN B 201 2.50 -6.41 -1.24
CA GLN B 201 3.93 -6.19 -1.32
C GLN B 201 4.48 -6.94 -2.53
N VAL B 202 4.95 -6.21 -3.52
CA VAL B 202 5.37 -6.83 -4.78
C VAL B 202 6.54 -7.74 -4.43
N ALA B 203 6.52 -9.00 -4.82
CA ALA B 203 7.63 -9.94 -4.44
C ALA B 203 8.51 -10.24 -5.66
N ASP B 204 7.94 -10.12 -6.86
CA ASP B 204 8.61 -10.55 -8.10
C ASP B 204 7.80 -10.08 -9.29
N VAL B 205 8.54 -9.57 -10.28
CA VAL B 205 8.01 -9.15 -11.55
C VAL B 205 8.97 -9.63 -12.64
N ARG B 206 8.46 -10.33 -13.64
CA ARG B 206 9.30 -10.74 -14.76
C ARG B 206 8.55 -11.00 -16.06
N LEU B 207 9.31 -10.95 -17.14
CA LEU B 207 8.83 -11.32 -18.46
C LEU B 207 9.14 -12.76 -18.71
N VAL B 208 8.12 -13.52 -19.07
CA VAL B 208 8.31 -14.83 -19.64
C VAL B 208 8.14 -14.72 -21.18
N PRO B 209 9.25 -14.74 -21.90
CA PRO B 209 9.16 -14.74 -23.36
C PRO B 209 8.62 -16.08 -23.90
N HIS B 210 8.20 -16.07 -25.15
CA HIS B 210 7.80 -17.26 -25.92
C HIS B 210 6.87 -18.26 -25.26
N THR B 211 5.97 -17.78 -24.43
CA THR B 211 4.78 -18.54 -23.98
C THR B 211 3.86 -18.88 -25.19
N ASP B 212 3.76 -20.15 -25.58
CA ASP B 212 3.01 -20.42 -26.82
C ASP B 212 1.52 -20.34 -26.47
N LEU B 213 0.73 -19.79 -27.38
CA LEU B 213 -0.67 -19.42 -27.08
C LEU B 213 -1.57 -20.59 -26.61
N ASP B 214 -1.14 -21.83 -26.91
CA ASP B 214 -1.78 -23.09 -26.42
C ASP B 214 -1.92 -23.20 -24.90
N THR B 215 -0.91 -22.70 -24.16
CA THR B 215 -0.86 -22.69 -22.68
C THR B 215 -2.06 -21.99 -21.97
N ILE B 216 -2.04 -21.99 -20.62
CA ILE B 216 -3.01 -21.28 -19.69
C ILE B 216 -3.81 -20.07 -20.29
N SER B 217 -3.20 -19.40 -21.28
CA SER B 217 -3.94 -18.62 -22.27
C SER B 217 -5.11 -19.45 -22.86
N SER B 218 -6.32 -19.19 -22.36
CA SER B 218 -7.53 -19.88 -22.88
C SER B 218 -7.79 -19.51 -24.35
N SER B 219 -8.59 -20.37 -25.00
CA SER B 219 -9.28 -20.07 -26.28
C SER B 219 -9.74 -18.58 -26.41
N ALA B 220 -10.58 -18.14 -25.45
CA ALA B 220 -11.08 -16.76 -25.31
C ALA B 220 -9.99 -15.68 -25.28
N ALA B 221 -9.11 -15.78 -24.27
CA ALA B 221 -8.01 -14.81 -24.02
C ALA B 221 -7.05 -14.60 -25.22
N ARG B 222 -6.58 -15.71 -25.82
CA ARG B 222 -5.73 -15.67 -27.06
C ARG B 222 -6.02 -14.51 -28.05
N ARG B 223 -7.27 -14.04 -28.11
CA ARG B 223 -7.69 -13.02 -29.09
C ARG B 223 -7.16 -11.57 -28.87
N LEU B 224 -5.92 -11.44 -28.38
CA LEU B 224 -5.05 -10.26 -28.65
C LEU B 224 -3.58 -10.73 -28.85
N GLY B 225 -3.00 -10.44 -30.04
CA GLY B 225 -1.65 -10.90 -30.40
C GLY B 225 -1.36 -11.14 -31.89
N SER B 226 -0.10 -10.91 -32.30
CA SER B 226 0.30 -10.94 -33.72
C SER B 226 0.47 -12.35 -34.31
N GLY B 227 0.89 -13.31 -33.47
CA GLY B 227 1.24 -14.66 -33.95
C GLY B 227 1.36 -15.78 -32.92
N ALA B 228 2.27 -16.74 -33.19
CA ALA B 228 2.39 -18.05 -32.49
C ALA B 228 2.65 -18.01 -30.96
N THR B 229 3.58 -17.17 -30.50
CA THR B 229 3.86 -17.07 -29.06
C THR B 229 3.77 -15.64 -28.59
N GLU B 230 3.83 -15.48 -27.29
CA GLU B 230 3.56 -14.23 -26.64
C GLU B 230 4.52 -14.06 -25.46
N THR B 231 5.05 -12.85 -25.30
CA THR B 231 5.75 -12.43 -24.07
C THR B 231 4.70 -12.09 -23.00
N VAL B 232 4.80 -12.74 -21.84
CA VAL B 232 3.85 -12.56 -20.76
C VAL B 232 4.52 -11.90 -19.54
N LEU B 233 3.90 -10.87 -18.99
CA LEU B 233 4.39 -10.18 -17.79
C LEU B 233 3.70 -10.82 -16.63
N HIS B 234 4.49 -11.34 -15.70
CA HIS B 234 4.01 -11.97 -14.47
C HIS B 234 4.40 -11.11 -13.28
N LEU B 235 3.42 -10.78 -12.46
CA LEU B 235 3.67 -9.98 -11.31
C LEU B 235 3.08 -10.78 -10.15
N ARG B 236 3.90 -10.94 -9.15
CA ARG B 236 3.54 -11.64 -7.95
C ARG B 236 3.74 -10.71 -6.79
N ALA B 237 2.70 -10.60 -5.96
CA ALA B 237 2.68 -9.83 -4.76
C ALA B 237 2.17 -10.70 -3.62
N VAL B 238 2.43 -10.27 -2.38
CA VAL B 238 2.02 -11.00 -1.20
C VAL B 238 1.14 -10.11 -0.39
N ALA B 239 0.07 -10.65 0.13
CA ALA B 239 -0.83 -9.90 1.07
C ALA B 239 -0.20 -9.63 2.42
N VAL B 240 -0.10 -8.38 2.80
CA VAL B 240 0.65 -8.03 3.98
C VAL B 240 -0.31 -8.20 5.15
N ASP B 241 0.20 -8.81 6.22
CA ASP B 241 -0.57 -9.04 7.46
C ASP B 241 -0.57 -7.74 8.28
N PRO B 242 -1.70 -7.02 8.30
CA PRO B 242 -1.63 -5.71 8.97
C PRO B 242 -1.47 -5.77 10.53
N ARG B 243 -1.52 -6.97 11.13
CA ARG B 243 -1.23 -7.16 12.57
C ARG B 243 0.18 -7.75 12.83
N ASP B 244 1.17 -7.22 12.15
CA ASP B 244 2.51 -7.76 12.22
C ASP B 244 3.51 -6.65 11.85
N PRO B 245 4.60 -6.49 12.63
CA PRO B 245 5.48 -5.32 12.40
C PRO B 245 5.91 -5.04 10.94
N VAL B 246 6.14 -3.75 10.67
CA VAL B 246 6.70 -3.30 9.40
C VAL B 246 8.23 -3.34 9.52
N SAM C . 4.18 14.83 17.45
CA SAM C . 3.82 15.06 18.88
C SAM C . 3.08 13.87 19.49
O SAM C . 3.75 12.87 19.86
OXT SAM C . 1.83 13.89 19.61
CB SAM C . 3.00 16.35 19.08
CG SAM C . 2.09 16.69 17.89
SD SAM C . 1.65 18.32 17.89
CE SAM C . 0.33 18.25 18.90
C5' SAM C . 1.45 18.91 16.31
C4' SAM C . 2.66 19.76 15.92
O4' SAM C . 2.90 19.88 14.51
C3' SAM C . 2.42 21.19 16.45
O3' SAM C . 3.28 21.57 17.50
C2' SAM C . 2.71 22.09 15.27
O2' SAM C . 3.42 23.26 15.60
C1' SAM C . 3.54 21.16 14.39
N9 SAM C . 3.63 21.79 13.07
C8 SAM C . 2.63 22.34 12.35
N7 SAM C . 3.06 22.81 11.17
C5 SAM C . 4.38 22.51 11.14
C6 SAM C . 5.43 22.73 10.20
N6 SAM C . 5.12 23.35 9.06
N1 SAM C . 6.65 22.27 10.47
C2 SAM C . 6.92 21.69 11.60
N3 SAM C . 6.02 21.42 12.54
C4 SAM C . 4.76 21.87 12.36
N SAM D . -8.86 -15.49 -16.74
CA SAM D . -9.48 -15.66 -18.04
C SAM D . -8.71 -16.58 -18.95
O SAM D . -7.50 -16.86 -18.76
OXT SAM D . -9.38 -16.99 -19.90
CB SAM D . -9.59 -14.33 -18.76
CG SAM D . -11.06 -14.05 -19.11
SD SAM D . -11.26 -12.61 -19.92
CE SAM D . -10.12 -12.65 -21.16
C5' SAM D . -11.16 -11.23 -18.95
C4' SAM D . -12.39 -10.97 -18.05
O4' SAM D . -12.12 -9.93 -17.13
C3' SAM D . -13.74 -10.55 -18.71
O3' SAM D . -14.63 -11.66 -18.64
C2' SAM D . -14.30 -9.40 -17.91
O2' SAM D . -15.73 -9.43 -17.58
C1' SAM D . -13.41 -9.53 -16.66
N9 SAM D . -13.47 -8.25 -15.87
C8 SAM D . -13.35 -6.98 -16.38
N7 SAM D . -13.55 -6.09 -15.35
C5 SAM D . -13.77 -6.80 -14.19
C6 SAM D . -14.00 -6.49 -12.82
N6 SAM D . -14.02 -5.18 -12.51
N1 SAM D . -14.16 -7.48 -11.88
C2 SAM D . -14.13 -8.75 -12.28
N3 SAM D . -13.91 -9.11 -13.55
C4 SAM D . -13.71 -8.19 -14.54
#